data_1F2I
#
_entry.id   1F2I
#
_cell.length_a   86.300
_cell.length_b   86.300
_cell.length_c   133.000
_cell.angle_alpha   90.00
_cell.angle_beta   90.00
_cell.angle_gamma   120.00
#
_symmetry.space_group_name_H-M   'P 31'
#
loop_
_entity.id
_entity.type
_entity.pdbx_description
1 polymer "5'-D(*AP*TP*GP*GP*GP*CP*GP*CP*GP*CP*CP*CP*AP*T)-3'"
2 polymer 'FUSION OF N-TERMINAL 17-MER PEPTIDE EXTENSION TO ZIF12'
3 non-polymer 'ZINC ION'
4 water water
#
loop_
_entity_poly.entity_id
_entity_poly.type
_entity_poly.pdbx_seq_one_letter_code
_entity_poly.pdbx_strand_id
1 'polydeoxyribonucleotide' (DA)(DT)(DG)(DG)(DG)(DC)(DG)(DC)(DG)(DC)(DC)(DC)(DA)(DT) A,B,C,D,E,F
2 'polypeptide(L)' MEPHPMNNLLNYVVPKMRPYACPVESCDRRFSRSDELTRHIRIHTGQKPFQCRICMRNFSRSDHLTTHIRTHT G,H,I,J,K,L
#
# COMPACT_ATOMS: atom_id res chain seq x y z
N ASN G 8 -19.53 -4.60 -2.41
CA ASN G 8 -20.21 -3.48 -1.77
C ASN G 8 -19.35 -2.22 -1.75
N LEU G 9 -20.02 -1.07 -1.77
CA LEU G 9 -19.35 0.21 -1.76
C LEU G 9 -18.97 0.60 -0.33
N LEU G 10 -19.33 -0.26 0.62
CA LEU G 10 -19.03 -0.03 2.04
C LEU G 10 -17.63 -0.52 2.35
N ASN G 11 -17.14 -1.45 1.53
CA ASN G 11 -15.81 -2.02 1.72
C ASN G 11 -14.81 -1.31 0.82
N TYR G 12 -15.27 -0.33 0.04
CA TYR G 12 -14.39 0.39 -0.87
C TYR G 12 -13.41 1.31 -0.18
N VAL G 13 -12.15 1.19 -0.58
CA VAL G 13 -11.06 2.00 -0.05
C VAL G 13 -10.41 2.67 -1.24
N VAL G 14 -10.25 3.99 -1.16
CA VAL G 14 -9.65 4.73 -2.26
C VAL G 14 -8.22 4.26 -2.46
N PRO G 15 -7.90 3.79 -3.68
CA PRO G 15 -6.56 3.30 -4.02
C PRO G 15 -5.48 4.36 -3.84
N LYS G 16 -4.39 3.97 -3.19
CA LYS G 16 -3.27 4.90 -2.99
C LYS G 16 -2.67 5.14 -4.37
N MET G 17 -2.57 6.42 -4.75
CA MET G 17 -2.04 6.77 -6.05
C MET G 17 -1.00 7.86 -5.89
N ARG G 18 -0.34 8.16 -7.01
CA ARG G 18 0.66 9.21 -7.06
C ARG G 18 0.48 9.77 -8.46
N PRO G 19 -0.59 10.55 -8.65
CA PRO G 19 -0.86 11.13 -9.96
C PRO G 19 -0.04 12.36 -10.28
N TYR G 20 0.56 12.97 -9.26
CA TYR G 20 1.35 14.18 -9.48
C TYR G 20 2.84 13.89 -9.67
N ALA G 21 3.24 13.78 -10.94
CA ALA G 21 4.62 13.48 -11.30
C ALA G 21 5.52 14.70 -11.46
N CYS G 22 6.71 14.63 -10.88
CA CYS G 22 7.66 15.73 -10.97
C CYS G 22 7.92 15.97 -12.44
N PRO G 23 7.81 17.23 -12.86
CA PRO G 23 8.02 17.69 -14.25
C PRO G 23 9.45 17.51 -14.76
N VAL G 24 10.42 17.47 -13.86
CA VAL G 24 11.82 17.29 -14.24
C VAL G 24 11.97 15.88 -14.80
N GLU G 25 12.36 15.81 -16.06
CA GLU G 25 12.52 14.56 -16.77
C GLU G 25 13.39 13.52 -16.08
N SER G 26 14.47 13.96 -15.44
CA SER G 26 15.40 13.05 -14.77
C SER G 26 15.01 12.71 -13.33
N CYS G 27 13.84 13.17 -12.91
CA CYS G 27 13.36 12.89 -11.57
C CYS G 27 12.10 12.03 -11.60
N ASP G 28 12.17 10.88 -10.94
CA ASP G 28 11.05 9.94 -10.92
C ASP G 28 10.08 10.09 -9.74
N ARG G 29 10.15 11.20 -9.02
CA ARG G 29 9.25 11.36 -7.90
C ARG G 29 7.83 11.66 -8.37
N ARG G 30 6.86 11.06 -7.67
CA ARG G 30 5.44 11.24 -7.93
C ARG G 30 4.79 11.42 -6.55
N PHE G 31 3.74 12.21 -6.48
CA PHE G 31 3.08 12.45 -5.21
C PHE G 31 1.58 12.26 -5.27
N SER G 32 0.98 12.12 -4.08
CA SER G 32 -0.45 11.92 -3.95
C SER G 32 -1.19 13.24 -4.13
N ARG G 33 -0.73 14.28 -3.45
CA ARG G 33 -1.35 15.59 -3.56
C ARG G 33 -0.52 16.57 -4.35
N SER G 34 -1.19 17.54 -4.95
CA SER G 34 -0.55 18.55 -5.76
C SER G 34 0.29 19.51 -4.92
N ASP G 35 -0.17 19.83 -3.73
CA ASP G 35 0.58 20.74 -2.86
C ASP G 35 1.93 20.11 -2.52
N GLU G 36 1.95 18.77 -2.46
CA GLU G 36 3.17 18.02 -2.14
C GLU G 36 4.19 18.17 -3.26
N LEU G 37 3.74 18.04 -4.50
CA LEU G 37 4.62 18.17 -5.65
C LEU G 37 5.19 19.58 -5.72
N THR G 38 4.33 20.58 -5.56
CA THR G 38 4.74 21.98 -5.61
C THR G 38 5.90 22.31 -4.68
N ARG G 39 5.88 21.70 -3.49
CA ARG G 39 6.93 21.90 -2.50
C ARG G 39 8.23 21.25 -2.97
N HIS G 40 8.11 20.02 -3.46
CA HIS G 40 9.23 19.22 -3.95
C HIS G 40 9.96 19.87 -5.11
N ILE G 41 9.20 20.43 -6.04
CA ILE G 41 9.79 21.08 -7.20
C ILE G 41 10.75 22.17 -6.74
N ARG G 42 10.51 22.74 -5.57
CA ARG G 42 11.38 23.81 -5.05
C ARG G 42 12.77 23.29 -4.68
N ILE G 43 12.91 21.96 -4.63
CA ILE G 43 14.18 21.33 -4.31
C ILE G 43 15.09 21.53 -5.52
N HIS G 44 14.49 21.38 -6.70
CA HIS G 44 15.19 21.54 -7.96
C HIS G 44 15.43 23.00 -8.31
N THR G 45 14.44 23.85 -8.12
CA THR G 45 14.58 25.27 -8.45
C THR G 45 15.32 26.08 -7.40
N GLY G 46 15.46 25.55 -6.19
CA GLY G 46 16.15 26.28 -5.14
C GLY G 46 15.37 27.51 -4.70
N GLN G 47 14.07 27.54 -4.99
CA GLN G 47 13.23 28.67 -4.61
C GLN G 47 12.84 28.66 -3.14
N LYS G 48 12.86 29.85 -2.54
CA LYS G 48 12.49 30.06 -1.13
C LYS G 48 11.58 31.29 -1.20
N PRO G 49 10.29 31.08 -1.51
CA PRO G 49 9.32 32.17 -1.61
C PRO G 49 8.87 32.83 -0.33
N PHE G 50 9.19 32.23 0.81
CA PHE G 50 8.75 32.78 2.09
C PHE G 50 9.85 33.54 2.79
N GLN G 51 9.49 34.64 3.42
CA GLN G 51 10.46 35.47 4.11
C GLN G 51 9.98 35.99 5.45
N CYS G 52 10.89 36.02 6.41
CA CYS G 52 10.60 36.51 7.75
C CYS G 52 10.85 38.02 7.70
N ARG G 53 9.79 38.80 7.90
CA ARG G 53 9.90 40.26 7.85
C ARG G 53 10.82 40.81 8.94
N ILE G 54 11.32 39.93 9.80
CA ILE G 54 12.20 40.33 10.88
C ILE G 54 13.68 40.22 10.50
N CYS G 55 14.17 38.99 10.32
CA CYS G 55 15.56 38.78 9.93
C CYS G 55 15.71 38.63 8.42
N MET G 56 14.59 38.81 7.71
CA MET G 56 14.57 38.73 6.25
C MET G 56 15.21 37.46 5.68
N ARG G 57 15.06 36.35 6.40
CA ARG G 57 15.60 35.07 5.97
C ARG G 57 14.56 34.37 5.11
N ASN G 58 15.00 33.73 4.03
CA ASN G 58 14.10 33.04 3.11
C ASN G 58 14.01 31.55 3.35
N PHE G 59 12.80 31.00 3.13
CA PHE G 59 12.53 29.58 3.33
C PHE G 59 11.76 29.02 2.14
N SER G 60 11.84 27.70 1.97
CA SER G 60 11.17 27.04 0.88
C SER G 60 9.76 26.61 1.25
N ARG G 61 9.50 26.47 2.55
CA ARG G 61 8.17 26.07 3.01
C ARG G 61 7.60 27.07 4.00
N SER G 62 6.30 27.28 3.92
CA SER G 62 5.60 28.22 4.79
C SER G 62 5.63 27.76 6.24
N ASP G 63 5.40 26.47 6.49
CA ASP G 63 5.40 25.96 7.84
C ASP G 63 6.73 26.17 8.58
N HIS G 64 7.83 25.93 7.90
CA HIS G 64 9.16 26.08 8.50
C HIS G 64 9.48 27.54 8.80
N LEU G 65 8.79 28.44 8.10
CA LEU G 65 8.99 29.87 8.30
C LEU G 65 8.19 30.29 9.51
N THR G 66 6.98 29.76 9.62
CA THR G 66 6.10 30.07 10.74
C THR G 66 6.84 29.67 12.02
N THR G 67 7.34 28.45 12.02
CA THR G 67 8.08 27.90 13.14
C THR G 67 9.23 28.80 13.53
N HIS G 68 10.01 29.23 12.54
CA HIS G 68 11.16 30.11 12.78
C HIS G 68 10.80 31.48 13.32
N ILE G 69 9.73 32.08 12.79
CA ILE G 69 9.32 33.41 13.21
C ILE G 69 8.84 33.50 14.67
N ARG G 70 8.26 32.42 15.19
CA ARG G 70 7.76 32.42 16.55
C ARG G 70 8.88 32.52 17.58
N THR G 71 10.12 32.31 17.14
CA THR G 71 11.27 32.37 18.03
C THR G 71 11.92 33.75 18.17
N HIS G 72 11.66 34.66 17.24
CA HIS G 72 12.26 35.98 17.30
C HIS G 72 11.97 36.73 18.61
N THR G 73 10.79 36.48 19.19
CA THR G 73 10.42 37.11 20.46
C THR G 73 9.34 36.30 21.16
N ASN H 8 11.50 26.37 -19.23
CA ASN H 8 12.02 26.97 -17.98
C ASN H 8 11.27 26.50 -16.74
N LEU H 9 11.93 25.67 -15.96
CA LEU H 9 11.38 25.09 -14.75
C LEU H 9 10.99 26.12 -13.70
N LEU H 10 11.66 27.26 -13.67
CA LEU H 10 11.36 28.27 -12.68
C LEU H 10 9.95 28.84 -12.79
N ASN H 11 9.35 28.71 -13.96
CA ASN H 11 8.00 29.20 -14.22
C ASN H 11 6.96 28.09 -14.16
N TYR H 12 7.38 26.90 -13.78
CA TYR H 12 6.45 25.78 -13.73
C TYR H 12 5.49 25.79 -12.56
N VAL H 13 4.21 25.61 -12.87
CA VAL H 13 3.16 25.54 -11.86
C VAL H 13 2.39 24.28 -12.18
N VAL H 14 2.21 23.44 -11.16
CA VAL H 14 1.48 22.19 -11.33
C VAL H 14 0.11 22.49 -11.91
N PRO H 15 -0.19 21.88 -13.08
CA PRO H 15 -1.50 22.11 -13.71
C PRO H 15 -2.59 21.47 -12.86
N LYS H 16 -3.77 22.07 -12.88
CA LYS H 16 -4.89 21.55 -12.12
C LYS H 16 -5.43 20.27 -12.76
N MET H 17 -5.75 19.30 -11.92
CA MET H 17 -6.32 18.06 -12.41
C MET H 17 -7.17 17.40 -11.34
N ARG H 18 -7.79 16.29 -11.69
CA ARG H 18 -8.68 15.56 -10.78
C ARG H 18 -8.55 14.09 -11.10
N PRO H 19 -7.52 13.43 -10.56
CA PRO H 19 -7.27 12.00 -10.79
C PRO H 19 -8.04 11.01 -9.95
N TYR H 20 -8.69 11.47 -8.90
CA TYR H 20 -9.45 10.57 -8.03
C TYR H 20 -10.93 10.56 -8.42
N ALA H 21 -11.31 9.52 -9.15
CA ALA H 21 -12.68 9.37 -9.66
C ALA H 21 -13.58 8.49 -8.80
N CYS H 22 -14.86 8.88 -8.72
CA CYS H 22 -15.83 8.12 -7.94
C CYS H 22 -16.03 6.77 -8.60
N PRO H 23 -15.98 5.68 -7.82
CA PRO H 23 -16.15 4.33 -8.37
C PRO H 23 -17.56 4.05 -8.87
N VAL H 24 -18.54 4.81 -8.38
CA VAL H 24 -19.92 4.62 -8.79
C VAL H 24 -19.99 4.86 -10.30
N GLU H 25 -20.54 3.87 -11.01
CA GLU H 25 -20.67 3.94 -12.46
C GLU H 25 -21.53 5.09 -12.94
N SER H 26 -22.56 5.40 -12.16
CA SER H 26 -23.49 6.48 -12.48
C SER H 26 -23.05 7.85 -11.98
N CYS H 27 -21.81 7.93 -11.47
CA CYS H 27 -21.28 9.20 -10.97
C CYS H 27 -20.08 9.59 -11.81
N ASP H 28 -20.04 10.85 -12.21
CA ASP H 28 -18.96 11.35 -13.04
C ASP H 28 -18.01 12.29 -12.27
N ARG H 29 -18.05 12.23 -10.94
CA ARG H 29 -17.22 13.11 -10.13
C ARG H 29 -15.77 12.68 -9.92
N ARG H 30 -14.86 13.65 -10.13
CA ARG H 30 -13.42 13.45 -9.99
C ARG H 30 -12.84 14.57 -9.10
N PHE H 31 -11.93 14.21 -8.20
CA PHE H 31 -11.33 15.21 -7.31
C PHE H 31 -9.82 15.31 -7.45
N SER H 32 -9.28 16.43 -6.98
CA SER H 32 -7.84 16.63 -7.05
C SER H 32 -7.14 15.84 -5.94
N ARG H 33 -7.85 15.64 -4.83
CA ARG H 33 -7.32 14.91 -3.68
C ARG H 33 -8.19 13.71 -3.33
N SER H 34 -7.59 12.71 -2.69
CA SER H 34 -8.35 11.52 -2.33
C SER H 34 -9.17 11.70 -1.07
N ASP H 35 -8.79 12.66 -0.23
CA ASP H 35 -9.58 12.87 0.98
C ASP H 35 -10.90 13.58 0.62
N GLU H 36 -10.92 14.18 -0.57
CA GLU H 36 -12.12 14.85 -1.08
C GLU H 36 -13.06 13.74 -1.54
N LEU H 37 -12.50 12.74 -2.21
CA LEU H 37 -13.30 11.62 -2.70
C LEU H 37 -13.76 10.69 -1.60
N THR H 38 -12.98 10.55 -0.53
CA THR H 38 -13.38 9.66 0.54
C THR H 38 -14.62 10.25 1.21
N ARG H 39 -14.70 11.57 1.20
CA ARG H 39 -15.83 12.29 1.79
C ARG H 39 -17.03 12.12 0.87
N HIS H 40 -16.80 12.37 -0.41
CA HIS H 40 -17.84 12.26 -1.43
C HIS H 40 -18.56 10.90 -1.46
N ILE H 41 -17.81 9.81 -1.31
CA ILE H 41 -18.41 8.49 -1.36
C ILE H 41 -19.42 8.24 -0.25
N ARG H 42 -19.43 9.09 0.76
CA ARG H 42 -20.36 8.91 1.88
C ARG H 42 -21.74 9.44 1.51
N ILE H 43 -21.83 10.07 0.35
CA ILE H 43 -23.07 10.62 -0.15
C ILE H 43 -23.81 9.45 -0.77
N HIS H 44 -23.06 8.49 -1.31
CA HIS H 44 -23.65 7.32 -1.93
C HIS H 44 -24.04 6.27 -0.90
N THR H 45 -23.25 6.15 0.16
CA THR H 45 -23.52 5.16 1.19
C THR H 45 -24.36 5.70 2.35
N GLY H 46 -24.45 7.02 2.44
CA GLY H 46 -25.23 7.65 3.50
C GLY H 46 -24.60 7.52 4.87
N GLN H 47 -23.33 7.14 4.91
CA GLN H 47 -22.61 6.96 6.16
C GLN H 47 -22.44 8.25 6.94
N LYS H 48 -22.65 8.18 8.25
CA LYS H 48 -22.48 9.33 9.12
C LYS H 48 -21.71 8.76 10.31
N PRO H 49 -20.37 8.65 10.17
CA PRO H 49 -19.43 8.12 11.17
C PRO H 49 -19.16 8.93 12.43
N PHE H 50 -19.13 10.24 12.30
CA PHE H 50 -18.83 11.11 13.42
C PHE H 50 -20.06 11.50 14.21
N GLN H 51 -20.15 10.98 15.43
CA GLN H 51 -21.27 11.24 16.31
C GLN H 51 -20.88 12.12 17.50
N CYS H 52 -21.80 13.01 17.89
CA CYS H 52 -21.57 13.88 19.03
C CYS H 52 -21.89 13.12 20.30
N ARG H 53 -20.97 13.12 21.26
CA ARG H 53 -21.16 12.41 22.52
C ARG H 53 -22.10 13.12 23.48
N ILE H 54 -22.37 14.39 23.22
CA ILE H 54 -23.29 15.14 24.07
C ILE H 54 -24.75 14.95 23.64
N CYS H 55 -25.02 14.98 22.34
CA CYS H 55 -26.39 14.83 21.89
C CYS H 55 -26.69 13.57 21.07
N MET H 56 -25.67 12.77 20.76
CA MET H 56 -25.88 11.54 19.99
C MET H 56 -26.14 11.79 18.51
N ARG H 57 -26.03 13.06 18.09
CA ARG H 57 -26.27 13.38 16.70
C ARG H 57 -25.10 12.96 15.80
N ASN H 58 -25.45 12.40 14.64
CA ASN H 58 -24.46 11.92 13.69
C ASN H 58 -24.22 12.83 12.49
N PHE H 59 -22.97 12.94 12.07
CA PHE H 59 -22.60 13.76 10.94
C PHE H 59 -21.77 12.96 9.95
N SER H 60 -21.81 13.38 8.68
CA SER H 60 -21.07 12.70 7.65
C SER H 60 -19.60 13.16 7.65
N ARG H 61 -19.36 14.35 8.16
CA ARG H 61 -18.00 14.91 8.20
C ARG H 61 -17.54 15.29 9.58
N SER H 62 -16.22 15.22 9.79
CA SER H 62 -15.65 15.55 11.08
C SER H 62 -15.50 17.05 11.27
N ASP H 63 -15.34 17.80 10.18
CA ASP H 63 -15.21 19.25 10.35
C ASP H 63 -16.53 19.84 10.79
N HIS H 64 -17.63 19.27 10.28
CA HIS H 64 -18.97 19.72 10.62
C HIS H 64 -19.35 19.34 12.03
N LEU H 65 -18.94 18.13 12.46
CA LEU H 65 -19.21 17.69 13.82
C LEU H 65 -18.47 18.66 14.73
N THR H 66 -17.18 18.77 14.53
CA THR H 66 -16.35 19.67 15.31
C THR H 66 -17.00 21.04 15.59
N THR H 67 -17.50 21.69 14.54
CA THR H 67 -18.14 22.98 14.72
C THR H 67 -19.42 22.81 15.53
N HIS H 68 -20.19 21.76 15.23
CA HIS H 68 -21.43 21.48 15.94
C HIS H 68 -21.20 21.32 17.44
N ILE H 69 -20.18 20.57 17.81
CA ILE H 69 -19.86 20.34 19.20
C ILE H 69 -19.77 21.63 20.01
N ARG H 70 -19.47 22.74 19.32
CA ARG H 70 -19.30 24.02 19.99
C ARG H 70 -20.57 24.78 20.31
N THR H 71 -21.70 24.34 19.74
CA THR H 71 -22.99 24.97 19.98
C THR H 71 -23.59 24.53 21.32
N HIS H 72 -22.88 23.65 22.03
CA HIS H 72 -23.32 23.13 23.34
C HIS H 72 -22.71 23.97 24.45
N THR H 73 -21.59 24.63 24.16
CA THR H 73 -20.88 25.44 25.12
C THR H 73 -21.32 26.92 25.16
N ASN I 8 -7.60 6.43 10.36
CA ASN I 8 -8.59 5.51 9.80
C ASN I 8 -8.66 4.26 10.65
N LEU I 9 -9.65 4.19 11.53
CA LEU I 9 -9.78 3.01 12.38
C LEU I 9 -10.10 1.78 11.54
N LEU I 10 -10.15 2.00 10.24
CA LEU I 10 -10.43 0.94 9.29
C LEU I 10 -9.42 -0.21 9.33
N ASN I 11 -8.17 0.12 9.66
CA ASN I 11 -7.13 -0.88 9.74
C ASN I 11 -6.45 -0.74 11.12
N TYR I 12 -7.22 -0.24 12.07
CA TYR I 12 -6.77 -0.06 13.45
C TYR I 12 -6.56 -1.46 14.03
N VAL I 13 -5.49 -1.62 14.81
CA VAL I 13 -5.17 -2.91 15.43
C VAL I 13 -5.33 -2.75 16.94
N VAL I 14 -5.93 -3.75 17.57
CA VAL I 14 -6.16 -3.64 19.01
C VAL I 14 -4.91 -3.79 19.85
N PRO I 15 -4.48 -2.70 20.51
CA PRO I 15 -3.28 -2.69 21.36
C PRO I 15 -3.22 -3.93 22.27
N LYS I 16 -2.40 -4.90 21.84
CA LYS I 16 -2.20 -6.13 22.60
C LYS I 16 -1.63 -5.76 23.95
N MET I 17 -2.27 -6.26 24.98
CA MET I 17 -1.83 -5.99 26.32
C MET I 17 -2.24 -7.21 27.14
N ARG I 18 -1.78 -7.26 28.38
CA ARG I 18 -2.09 -8.37 29.23
C ARG I 18 -2.71 -7.77 30.48
N PRO I 19 -4.02 -7.52 30.44
CA PRO I 19 -4.82 -6.94 31.53
C PRO I 19 -5.09 -7.86 32.71
N TYR I 20 -5.10 -9.17 32.46
CA TYR I 20 -5.38 -10.11 33.54
C TYR I 20 -4.09 -10.64 34.17
N ALA I 21 -3.75 -10.05 35.32
CA ALA I 21 -2.53 -10.40 36.04
C ALA I 21 -2.75 -11.33 37.22
N CYS I 22 -1.84 -12.29 37.35
CA CYS I 22 -1.91 -13.25 38.44
C CYS I 22 -1.87 -12.52 39.76
N PRO I 23 -2.79 -12.85 40.68
CA PRO I 23 -2.89 -12.25 42.01
C PRO I 23 -1.65 -12.41 42.88
N VAL I 24 -1.01 -13.58 42.75
CA VAL I 24 0.21 -13.90 43.50
C VAL I 24 1.26 -12.83 43.23
N GLU I 25 1.55 -12.03 44.25
CA GLU I 25 2.52 -10.96 44.13
C GLU I 25 3.86 -11.42 43.60
N SER I 26 4.31 -12.59 44.06
CA SER I 26 5.59 -13.12 43.62
C SER I 26 5.55 -13.54 42.14
N CYS I 27 4.34 -13.68 41.59
CA CYS I 27 4.17 -14.06 40.19
C CYS I 27 3.92 -12.86 39.28
N ASP I 28 4.70 -12.79 38.20
CA ASP I 28 4.63 -11.70 37.24
C ASP I 28 3.79 -12.03 36.01
N ARG I 29 3.12 -13.18 36.05
CA ARG I 29 2.32 -13.62 34.91
C ARG I 29 1.12 -12.71 34.61
N ARG I 30 0.99 -12.35 33.33
CA ARG I 30 -0.07 -11.48 32.83
C ARG I 30 -0.66 -12.09 31.56
N PHE I 31 -1.98 -12.15 31.46
CA PHE I 31 -2.62 -12.72 30.28
C PHE I 31 -3.58 -11.78 29.54
N SER I 32 -3.79 -12.06 28.27
CA SER I 32 -4.67 -11.26 27.44
C SER I 32 -6.13 -11.57 27.73
N ARG I 33 -6.41 -12.82 28.11
CA ARG I 33 -7.77 -13.24 28.38
C ARG I 33 -7.97 -13.77 29.78
N SER I 34 -9.11 -13.44 30.36
CA SER I 34 -9.47 -13.88 31.70
C SER I 34 -9.36 -15.39 31.88
N ASP I 35 -9.85 -16.15 30.91
CA ASP I 35 -9.81 -17.60 30.98
C ASP I 35 -8.39 -18.18 31.01
N GLU I 36 -7.45 -17.44 30.43
CA GLU I 36 -6.05 -17.89 30.41
C GLU I 36 -5.54 -17.83 31.84
N LEU I 37 -5.77 -16.71 32.50
CA LEU I 37 -5.36 -16.51 33.88
C LEU I 37 -6.00 -17.52 34.82
N THR I 38 -7.26 -17.86 34.57
CA THR I 38 -7.97 -18.81 35.43
C THR I 38 -7.26 -20.17 35.47
N ARG I 39 -6.72 -20.59 34.33
CA ARG I 39 -6.01 -21.85 34.24
C ARG I 39 -4.66 -21.70 34.91
N HIS I 40 -3.93 -20.66 34.55
CA HIS I 40 -2.64 -20.40 35.13
C HIS I 40 -2.70 -20.58 36.64
N ILE I 41 -3.57 -19.79 37.28
CA ILE I 41 -3.76 -19.82 38.72
C ILE I 41 -3.83 -21.21 39.35
N ARG I 42 -4.24 -22.21 38.59
CA ARG I 42 -4.32 -23.56 39.14
C ARG I 42 -2.93 -24.12 39.45
N ILE I 43 -1.93 -23.54 38.80
CA ILE I 43 -0.53 -23.92 39.01
C ILE I 43 -0.23 -23.66 40.49
N HIS I 44 -0.62 -22.48 40.97
CA HIS I 44 -0.39 -22.09 42.36
C HIS I 44 -1.24 -22.84 43.36
N THR I 45 -2.49 -23.11 42.99
CA THR I 45 -3.42 -23.80 43.89
C THR I 45 -3.32 -25.33 43.88
N GLY I 46 -2.76 -25.89 42.81
CA GLY I 46 -2.63 -27.34 42.71
C GLY I 46 -3.95 -28.01 42.38
N GLN I 47 -4.98 -27.19 42.22
CA GLN I 47 -6.33 -27.61 41.90
C GLN I 47 -6.43 -28.34 40.55
N LYS I 48 -7.07 -29.50 40.54
CA LYS I 48 -7.26 -30.29 39.33
C LYS I 48 -8.75 -30.65 39.29
N PRO I 49 -9.58 -29.74 38.76
CA PRO I 49 -11.03 -29.86 38.63
C PRO I 49 -11.60 -30.79 37.59
N PHE I 50 -10.75 -31.56 36.92
CA PHE I 50 -11.24 -32.47 35.89
C PHE I 50 -10.73 -33.87 36.16
N GLN I 51 -11.64 -34.77 36.51
CA GLN I 51 -11.28 -36.14 36.83
C GLN I 51 -11.96 -37.21 35.98
N CYS I 52 -11.18 -38.13 35.45
CA CYS I 52 -11.70 -39.21 34.62
C CYS I 52 -12.63 -40.16 35.37
N ARG I 53 -13.81 -40.38 34.80
CA ARG I 53 -14.83 -41.26 35.39
C ARG I 53 -14.44 -42.74 35.28
N ILE I 54 -13.56 -43.05 34.33
CA ILE I 54 -13.12 -44.41 34.10
C ILE I 54 -11.94 -44.87 34.97
N CYS I 55 -10.88 -44.08 35.02
CA CYS I 55 -9.71 -44.44 35.80
C CYS I 55 -9.39 -43.51 36.96
N MET I 56 -10.17 -42.45 37.12
CA MET I 56 -9.98 -41.49 38.21
C MET I 56 -8.76 -40.57 38.15
N ARG I 57 -8.07 -40.55 37.02
CA ARG I 57 -6.91 -39.69 36.89
C ARG I 57 -7.38 -38.25 36.95
N ASN I 58 -6.60 -37.40 37.62
CA ASN I 58 -6.92 -35.98 37.78
C ASN I 58 -6.18 -35.13 36.76
N PHE I 59 -6.81 -34.04 36.34
CA PHE I 59 -6.22 -33.12 35.37
C PHE I 59 -6.53 -31.71 35.79
N SER I 60 -5.72 -30.76 35.35
CA SER I 60 -5.93 -29.38 35.72
C SER I 60 -6.66 -28.68 34.60
N ARG I 61 -6.68 -29.31 33.44
CA ARG I 61 -7.32 -28.74 32.29
C ARG I 61 -8.31 -29.69 31.65
N SER I 62 -9.39 -29.11 31.16
CA SER I 62 -10.45 -29.90 30.54
C SER I 62 -10.01 -30.47 29.20
N ASP I 63 -9.24 -29.71 28.42
CA ASP I 63 -8.82 -30.24 27.12
C ASP I 63 -7.96 -31.48 27.27
N HIS I 64 -7.14 -31.51 28.32
CA HIS I 64 -6.29 -32.67 28.59
C HIS I 64 -7.12 -33.83 29.11
N LEU I 65 -8.18 -33.54 29.88
CA LEU I 65 -9.03 -34.62 30.36
C LEU I 65 -9.73 -35.25 29.17
N THR I 66 -10.14 -34.40 28.23
CA THR I 66 -10.86 -34.88 27.06
C THR I 66 -10.00 -35.73 26.14
N THR I 67 -8.78 -35.28 25.84
CA THR I 67 -7.92 -36.09 24.97
C THR I 67 -7.57 -37.37 25.69
N HIS I 68 -7.47 -37.29 27.02
CA HIS I 68 -7.13 -38.48 27.80
C HIS I 68 -8.24 -39.52 27.74
N ILE I 69 -9.48 -39.09 27.85
CA ILE I 69 -10.60 -40.01 27.82
C ILE I 69 -10.66 -40.84 26.54
N ARG I 70 -10.24 -40.25 25.42
CA ARG I 70 -10.28 -40.96 24.16
C ARG I 70 -9.34 -42.16 24.21
N THR I 71 -8.26 -42.07 24.98
CA THR I 71 -7.31 -43.15 25.10
C THR I 71 -7.93 -44.41 25.70
N HIS I 72 -9.17 -44.28 26.15
CA HIS I 72 -9.89 -45.41 26.71
C HIS I 72 -10.72 -45.97 25.56
N THR I 73 -11.07 -45.09 24.63
CA THR I 73 -11.89 -45.41 23.47
C THR I 73 -11.08 -45.35 22.17
N ASN J 8 -6.40 -19.70 50.16
CA ASN J 8 -7.73 -19.21 49.81
C ASN J 8 -7.77 -18.83 48.34
N LEU J 9 -6.60 -18.77 47.71
CA LEU J 9 -6.49 -18.44 46.29
C LEU J 9 -7.34 -19.43 45.48
N LEU J 10 -7.63 -20.57 46.10
CA LEU J 10 -8.45 -21.61 45.48
C LEU J 10 -9.84 -21.05 45.19
N ASN J 11 -10.21 -20.02 45.94
CA ASN J 11 -11.50 -19.36 45.81
C ASN J 11 -11.37 -17.97 45.18
N TYR J 12 -10.34 -17.78 44.36
CA TYR J 12 -10.15 -16.51 43.69
C TYR J 12 -10.92 -16.61 42.39
N VAL J 13 -11.74 -15.60 42.11
CA VAL J 13 -12.50 -15.59 40.88
C VAL J 13 -12.12 -14.32 40.13
N VAL J 14 -11.28 -14.49 39.12
CA VAL J 14 -10.81 -13.38 38.31
C VAL J 14 -11.88 -12.31 38.16
N PRO J 15 -11.65 -11.13 38.75
CA PRO J 15 -12.61 -10.03 38.67
C PRO J 15 -12.97 -9.74 37.22
N LYS J 16 -14.26 -9.86 36.89
CA LYS J 16 -14.73 -9.60 35.53
C LYS J 16 -14.46 -8.14 35.20
N MET J 17 -13.70 -7.90 34.13
CA MET J 17 -13.37 -6.54 33.75
C MET J 17 -13.54 -6.32 32.26
N ARG J 18 -13.40 -5.07 31.85
CA ARG J 18 -13.50 -4.67 30.46
C ARG J 18 -12.30 -3.78 30.16
N PRO J 19 -11.13 -4.40 29.96
CA PRO J 19 -9.88 -3.67 29.68
C PRO J 19 -9.75 -3.14 28.27
N TYR J 20 -10.54 -3.68 27.35
CA TYR J 20 -10.48 -3.23 25.96
C TYR J 20 -11.58 -2.25 25.64
N ALA J 21 -11.21 -0.97 25.60
CA ALA J 21 -12.14 0.12 25.31
C ALA J 21 -12.14 0.48 23.84
N CYS J 22 -13.29 0.87 23.32
CA CYS J 22 -13.39 1.26 21.92
C CYS J 22 -12.71 2.60 21.70
N PRO J 23 -11.91 2.70 20.63
CA PRO J 23 -11.19 3.92 20.25
C PRO J 23 -12.12 5.11 20.01
N VAL J 24 -13.10 4.92 19.13
CA VAL J 24 -14.08 5.96 18.82
C VAL J 24 -14.44 6.78 20.07
N GLU J 25 -14.23 8.09 20.00
CA GLU J 25 -14.51 9.00 21.12
C GLU J 25 -15.94 9.01 21.64
N SER J 26 -16.91 8.99 20.74
CA SER J 26 -18.32 9.02 21.11
C SER J 26 -18.78 7.66 21.65
N CYS J 27 -17.90 6.67 21.51
CA CYS J 27 -18.17 5.29 21.95
C CYS J 27 -17.23 4.86 23.07
N ASP J 28 -17.77 4.74 24.28
CA ASP J 28 -16.96 4.33 25.42
C ASP J 28 -17.26 2.88 25.73
N ARG J 29 -17.62 2.13 24.71
CA ARG J 29 -17.95 0.71 24.90
C ARG J 29 -16.70 -0.04 25.32
N ARG J 30 -16.81 -0.86 26.36
CA ARG J 30 -15.66 -1.63 26.86
C ARG J 30 -15.90 -3.13 26.86
N PHE J 31 -14.92 -3.89 26.35
CA PHE J 31 -15.03 -5.35 26.30
C PHE J 31 -14.02 -6.08 27.17
N SER J 32 -14.34 -7.32 27.51
CA SER J 32 -13.44 -8.09 28.36
C SER J 32 -12.40 -8.83 27.54
N ARG J 33 -12.66 -8.99 26.25
CA ARG J 33 -11.73 -9.66 25.35
C ARG J 33 -11.43 -8.74 24.17
N SER J 34 -10.28 -8.94 23.56
CA SER J 34 -9.89 -8.10 22.44
C SER J 34 -10.55 -8.54 21.15
N ASP J 35 -10.89 -9.81 21.03
CA ASP J 35 -11.53 -10.27 19.80
C ASP J 35 -12.95 -9.71 19.74
N GLU J 36 -13.57 -9.53 20.90
CA GLU J 36 -14.90 -8.97 20.96
C GLU J 36 -14.84 -7.56 20.41
N LEU J 37 -13.86 -6.79 20.88
CA LEU J 37 -13.67 -5.41 20.45
C LEU J 37 -13.29 -5.29 18.99
N THR J 38 -12.66 -6.31 18.44
CA THR J 38 -12.28 -6.28 17.05
C THR J 38 -13.55 -6.42 16.17
N ARG J 39 -14.50 -7.24 16.63
CA ARG J 39 -15.78 -7.46 15.95
C ARG J 39 -16.58 -6.15 15.99
N HIS J 40 -16.62 -5.55 17.18
CA HIS J 40 -17.37 -4.32 17.41
C HIS J 40 -17.03 -3.15 16.49
N ILE J 41 -15.75 -2.86 16.38
CA ILE J 41 -15.30 -1.76 15.58
C ILE J 41 -15.82 -1.74 14.14
N ARG J 42 -16.26 -2.88 13.64
CA ARG J 42 -16.78 -2.92 12.26
C ARG J 42 -18.18 -2.30 12.21
N ILE J 43 -18.67 -1.93 13.38
CA ILE J 43 -19.97 -1.31 13.52
C ILE J 43 -19.78 0.14 13.13
N HIS J 44 -18.57 0.64 13.34
CA HIS J 44 -18.25 2.03 13.02
C HIS J 44 -17.70 2.21 11.62
N THR J 45 -17.15 1.15 11.05
CA THR J 45 -16.61 1.24 9.70
C THR J 45 -17.65 0.86 8.66
N GLY J 46 -18.64 0.08 9.10
CA GLY J 46 -19.68 -0.35 8.20
C GLY J 46 -19.17 -1.43 7.27
N GLN J 47 -17.99 -1.97 7.59
CA GLN J 47 -17.38 -3.02 6.76
C GLN J 47 -18.01 -4.38 6.94
N LYS J 48 -17.87 -5.20 5.91
CA LYS J 48 -18.40 -6.57 5.91
C LYS J 48 -17.35 -7.39 5.16
N PRO J 49 -16.26 -7.76 5.86
CA PRO J 49 -15.14 -8.54 5.32
C PRO J 49 -15.36 -10.00 4.97
N PHE J 50 -16.55 -10.52 5.23
CA PHE J 50 -16.83 -11.92 4.93
C PHE J 50 -17.91 -12.10 3.88
N GLN J 51 -17.54 -12.74 2.78
CA GLN J 51 -18.47 -12.95 1.67
C GLN J 51 -18.80 -14.41 1.42
N CYS J 52 -19.99 -14.65 0.89
CA CYS J 52 -20.45 -15.99 0.58
C CYS J 52 -20.14 -16.24 -0.91
N ARG J 53 -19.40 -17.32 -1.21
CA ARG J 53 -19.04 -17.63 -2.59
C ARG J 53 -20.27 -17.96 -3.43
N ILE J 54 -21.27 -18.55 -2.76
CA ILE J 54 -22.50 -18.95 -3.42
C ILE J 54 -23.42 -17.80 -3.88
N CYS J 55 -23.80 -16.91 -2.98
CA CYS J 55 -24.68 -15.82 -3.39
C CYS J 55 -24.02 -14.44 -3.41
N MET J 56 -22.80 -14.35 -2.88
CA MET J 56 -22.06 -13.09 -2.84
C MET J 56 -22.56 -12.11 -1.81
N ARG J 57 -23.33 -12.60 -0.83
CA ARG J 57 -23.83 -11.73 0.23
C ARG J 57 -22.66 -11.45 1.15
N ASN J 58 -22.66 -10.29 1.81
CA ASN J 58 -21.59 -9.91 2.69
C ASN J 58 -22.01 -9.87 4.15
N PHE J 59 -21.07 -10.16 5.06
CA PHE J 59 -21.35 -10.18 6.48
C PHE J 59 -20.26 -9.46 7.25
N SER J 60 -20.62 -8.98 8.43
CA SER J 60 -19.68 -8.27 9.28
C SER J 60 -18.96 -9.26 10.19
N ARG J 61 -19.51 -10.45 10.31
CA ARG J 61 -18.93 -11.46 11.17
C ARG J 61 -18.79 -12.79 10.48
N SER J 62 -17.71 -13.47 10.82
CA SER J 62 -17.40 -14.78 10.27
C SER J 62 -18.36 -15.86 10.76
N ASP J 63 -18.72 -15.83 12.03
CA ASP J 63 -19.63 -16.86 12.54
C ASP J 63 -21.01 -16.81 11.89
N HIS J 64 -21.43 -15.63 11.47
CA HIS J 64 -22.74 -15.51 10.83
C HIS J 64 -22.66 -15.99 9.41
N LEU J 65 -21.50 -15.86 8.79
CA LEU J 65 -21.36 -16.35 7.43
C LEU J 65 -21.40 -17.87 7.48
N THR J 66 -20.77 -18.43 8.51
CA THR J 66 -20.73 -19.88 8.68
C THR J 66 -22.17 -20.43 8.73
N THR J 67 -23.00 -19.80 9.54
CA THR J 67 -24.40 -20.17 9.70
C THR J 67 -25.15 -20.03 8.39
N HIS J 68 -24.98 -18.88 7.76
CA HIS J 68 -25.64 -18.59 6.50
C HIS J 68 -25.35 -19.63 5.44
N ILE J 69 -24.06 -19.91 5.25
CA ILE J 69 -23.62 -20.88 4.25
C ILE J 69 -24.44 -22.18 4.27
N ARG J 70 -24.76 -22.66 5.47
CA ARG J 70 -25.50 -23.91 5.61
C ARG J 70 -26.95 -23.88 5.15
N THR J 71 -27.48 -22.69 4.87
CA THR J 71 -28.87 -22.58 4.44
C THR J 71 -28.99 -22.89 2.96
N HIS J 72 -27.85 -23.00 2.29
CA HIS J 72 -27.80 -23.26 0.85
C HIS J 72 -28.00 -24.71 0.44
N THR J 73 -27.57 -25.64 1.28
CA THR J 73 -27.69 -27.05 0.96
C THR J 73 -29.15 -27.48 0.73
N ASN K 11 18.20 0.96 -48.80
CA ASN K 11 18.34 0.49 -47.43
C ASN K 11 19.21 1.48 -46.64
N TYR K 12 18.60 2.06 -45.61
CA TYR K 12 19.23 3.07 -44.73
C TYR K 12 19.83 2.48 -43.44
N VAL K 13 21.16 2.45 -43.33
CA VAL K 13 21.79 1.95 -42.10
C VAL K 13 21.89 3.08 -41.08
N VAL K 14 21.02 3.04 -40.07
CA VAL K 14 20.99 4.06 -39.04
C VAL K 14 22.39 4.26 -38.46
N PRO K 15 22.85 5.52 -38.40
CA PRO K 15 24.19 5.83 -37.87
C PRO K 15 24.33 5.43 -36.39
N LYS K 16 25.57 5.20 -35.95
CA LYS K 16 25.81 4.81 -34.57
C LYS K 16 25.88 6.07 -33.71
N MET K 17 25.42 5.95 -32.48
CA MET K 17 25.40 7.07 -31.53
C MET K 17 25.39 6.53 -30.12
N ARG K 18 25.64 7.43 -29.17
CA ARG K 18 25.63 7.10 -27.75
C ARG K 18 25.04 8.35 -27.10
N PRO K 19 23.73 8.57 -27.29
CA PRO K 19 23.00 9.71 -26.75
C PRO K 19 22.83 9.72 -25.26
N TYR K 20 23.04 8.57 -24.63
CA TYR K 20 22.86 8.47 -23.19
C TYR K 20 24.14 8.54 -22.37
N ALA K 21 24.41 9.73 -21.83
CA ALA K 21 25.61 10.01 -21.03
C ALA K 21 25.34 9.82 -19.55
N CYS K 22 26.32 9.25 -18.85
CA CYS K 22 26.17 9.02 -17.41
C CYS K 22 26.26 10.35 -16.67
N PRO K 23 25.29 10.64 -15.79
CA PRO K 23 25.18 11.85 -14.98
C PRO K 23 26.31 12.09 -13.97
N VAL K 24 26.99 11.03 -13.58
CA VAL K 24 28.08 11.16 -12.62
C VAL K 24 29.13 12.03 -13.29
N GLU K 25 29.75 12.91 -12.51
CA GLU K 25 30.73 13.84 -13.05
C GLU K 25 32.05 13.21 -13.49
N SER K 26 32.56 12.26 -12.70
CA SER K 26 33.82 11.59 -13.00
C SER K 26 33.68 10.52 -14.09
N CYS K 27 32.44 10.20 -14.45
CA CYS K 27 32.18 9.17 -15.44
C CYS K 27 31.76 9.73 -16.80
N ASP K 28 32.54 9.43 -17.84
CA ASP K 28 32.26 9.91 -19.19
C ASP K 28 31.64 8.82 -20.08
N ARG K 29 31.11 7.79 -19.45
CA ARG K 29 30.48 6.69 -20.17
C ARG K 29 29.22 7.14 -20.92
N ARG K 30 29.08 6.69 -22.16
CA ARG K 30 27.91 7.01 -22.99
C ARG K 30 27.41 5.73 -23.62
N PHE K 31 26.09 5.58 -23.71
CA PHE K 31 25.51 4.35 -24.27
C PHE K 31 24.60 4.62 -25.46
N SER K 32 24.26 3.56 -26.19
CA SER K 32 23.38 3.67 -27.35
C SER K 32 21.92 3.54 -26.92
N ARG K 33 21.69 2.71 -25.91
CA ARG K 33 20.35 2.49 -25.39
C ARG K 33 20.20 2.94 -23.95
N SER K 34 19.13 3.69 -23.68
CA SER K 34 18.84 4.21 -22.36
C SER K 34 18.86 3.17 -21.24
N ASP K 35 18.37 1.96 -21.52
CA ASP K 35 18.33 0.93 -20.48
C ASP K 35 19.73 0.48 -20.06
N GLU K 36 20.67 0.51 -21.00
CA GLU K 36 22.06 0.12 -20.76
C GLU K 36 22.65 1.11 -19.75
N LEU K 37 22.30 2.38 -19.88
CA LEU K 37 22.80 3.39 -18.97
C LEU K 37 22.16 3.28 -17.59
N THR K 38 20.89 2.91 -17.55
CA THR K 38 20.19 2.78 -16.28
C THR K 38 20.78 1.65 -15.45
N ARG K 39 21.23 0.61 -16.16
CA ARG K 39 21.85 -0.55 -15.52
C ARG K 39 23.21 -0.13 -14.99
N HIS K 40 23.94 0.61 -15.82
CA HIS K 40 25.27 1.10 -15.47
C HIS K 40 25.24 2.00 -14.24
N ILE K 41 24.22 2.86 -14.18
CA ILE K 41 24.12 3.78 -13.05
C ILE K 41 24.00 3.03 -11.74
N ARG K 42 23.56 1.79 -11.78
CA ARG K 42 23.41 1.01 -10.56
C ARG K 42 24.76 0.67 -9.94
N ILE K 43 25.81 0.76 -10.76
CA ILE K 43 27.15 0.48 -10.27
C ILE K 43 27.46 1.58 -9.26
N HIS K 44 27.39 2.83 -9.70
CA HIS K 44 27.67 3.99 -8.86
C HIS K 44 26.89 4.02 -7.55
N THR K 45 25.63 3.62 -7.60
CA THR K 45 24.77 3.63 -6.43
C THR K 45 24.91 2.37 -5.56
N GLY K 46 25.54 1.33 -6.10
CA GLY K 46 25.70 0.10 -5.35
C GLY K 46 24.39 -0.64 -5.17
N GLN K 47 23.37 -0.21 -5.91
CA GLN K 47 22.04 -0.82 -5.85
C GLN K 47 22.12 -2.30 -6.22
N LYS K 48 21.20 -3.08 -5.68
CA LYS K 48 21.13 -4.52 -5.93
C LYS K 48 19.71 -4.98 -5.62
N PRO K 49 18.71 -4.41 -6.34
CA PRO K 49 17.30 -4.74 -6.17
C PRO K 49 17.00 -6.23 -6.21
N PHE K 50 17.99 -7.01 -6.62
CA PHE K 50 17.82 -8.46 -6.73
C PHE K 50 18.62 -9.29 -5.72
N GLN K 51 17.86 -9.99 -4.87
CA GLN K 51 18.37 -10.84 -3.80
C GLN K 51 17.93 -12.29 -3.99
N CYS K 52 18.81 -13.24 -3.67
CA CYS K 52 18.55 -14.67 -3.83
C CYS K 52 17.64 -15.34 -2.77
N ARG K 53 16.65 -16.10 -3.24
CA ARG K 53 15.73 -16.78 -2.34
C ARG K 53 16.40 -17.92 -1.57
N ILE K 54 17.72 -18.07 -1.72
CA ILE K 54 18.45 -19.15 -1.05
C ILE K 54 19.56 -18.70 -0.08
N CYS K 55 20.74 -18.41 -0.60
CA CYS K 55 21.88 -18.02 0.23
C CYS K 55 21.89 -16.56 0.69
N MET K 56 20.81 -15.84 0.42
CA MET K 56 20.68 -14.44 0.82
C MET K 56 21.80 -13.52 0.34
N ARG K 57 22.26 -13.69 -0.89
CA ARG K 57 23.31 -12.85 -1.44
C ARG K 57 22.71 -11.83 -2.40
N ASN K 58 23.38 -10.69 -2.55
CA ASN K 58 22.86 -9.62 -3.41
C ASN K 58 23.61 -9.44 -4.73
N PHE K 59 22.86 -9.09 -5.77
CA PHE K 59 23.41 -8.86 -7.11
C PHE K 59 22.67 -7.70 -7.77
N SER K 60 23.40 -6.85 -8.49
CA SER K 60 22.82 -5.70 -9.15
C SER K 60 21.83 -6.10 -10.25
N ARG K 61 22.32 -6.82 -11.24
CA ARG K 61 21.49 -7.25 -12.37
C ARG K 61 20.72 -8.55 -12.18
N SER K 62 19.69 -8.70 -13.00
CA SER K 62 18.82 -9.87 -13.00
C SER K 62 19.56 -11.10 -13.51
N ASP K 63 19.92 -11.07 -14.80
CA ASP K 63 20.62 -12.19 -15.43
C ASP K 63 21.69 -12.84 -14.55
N HIS K 64 22.44 -12.03 -13.81
CA HIS K 64 23.50 -12.54 -12.94
C HIS K 64 22.97 -13.41 -11.80
N LEU K 65 21.92 -12.93 -11.15
CA LEU K 65 21.32 -13.67 -10.04
C LEU K 65 20.58 -14.90 -10.54
N THR K 66 19.94 -14.77 -11.70
CA THR K 66 19.20 -15.89 -12.28
C THR K 66 20.18 -16.99 -12.72
N THR K 67 21.46 -16.60 -12.87
CA THR K 67 22.49 -17.55 -13.30
C THR K 67 22.95 -18.35 -12.10
N HIS K 68 23.36 -17.61 -11.08
CA HIS K 68 23.86 -18.17 -9.86
C HIS K 68 22.77 -19.03 -9.19
N ILE K 69 21.54 -18.52 -9.09
CA ILE K 69 20.45 -19.29 -8.48
C ILE K 69 20.41 -20.80 -8.87
N ARG K 70 20.93 -21.13 -10.06
CA ARG K 70 20.92 -22.53 -10.51
C ARG K 70 22.09 -23.36 -9.95
N THR K 71 23.19 -22.69 -9.58
CA THR K 71 24.36 -23.36 -8.99
C THR K 71 23.94 -24.20 -7.76
N HIS K 72 22.69 -23.99 -7.34
CA HIS K 72 22.11 -24.71 -6.20
C HIS K 72 21.40 -25.99 -6.63
N THR K 73 20.19 -25.83 -7.17
CA THR K 73 19.38 -26.96 -7.62
C THR K 73 19.34 -27.01 -9.15
N ASN L 8 19.96 13.92 -6.32
CA ASN L 8 19.94 12.58 -5.76
C ASN L 8 19.88 11.51 -6.84
N LEU L 9 21.01 10.84 -7.03
CA LEU L 9 21.17 9.79 -8.03
C LEU L 9 20.28 8.59 -7.80
N LEU L 10 19.65 8.51 -6.63
CA LEU L 10 18.79 7.37 -6.35
C LEU L 10 17.44 7.57 -7.03
N ASN L 11 17.05 8.83 -7.23
CA ASN L 11 15.79 9.18 -7.89
C ASN L 11 16.05 9.53 -9.34
N TYR L 12 17.19 9.09 -9.88
CA TYR L 12 17.53 9.42 -11.25
C TYR L 12 16.96 8.43 -12.27
N VAL L 13 16.49 8.99 -13.40
CA VAL L 13 15.97 8.20 -14.49
C VAL L 13 16.47 8.89 -15.74
N VAL L 14 16.98 8.11 -16.68
CA VAL L 14 17.50 8.66 -17.91
C VAL L 14 16.37 9.31 -18.69
N PRO L 15 16.46 10.63 -18.89
CA PRO L 15 15.46 11.40 -19.62
C PRO L 15 15.10 10.74 -20.96
N LYS L 16 13.82 10.50 -21.16
CA LYS L 16 13.34 9.89 -22.37
C LYS L 16 13.35 10.90 -23.49
N MET L 17 14.51 11.02 -24.13
CA MET L 17 14.64 11.92 -25.26
C MET L 17 14.62 11.01 -26.48
N ARG L 18 14.37 11.57 -27.66
CA ARG L 18 14.30 10.74 -28.86
C ARG L 18 15.40 11.11 -29.81
N PRO L 19 16.60 10.51 -29.61
CA PRO L 19 17.79 10.74 -30.43
C PRO L 19 17.56 10.28 -31.84
N TYR L 20 16.95 9.10 -31.94
CA TYR L 20 16.66 8.41 -33.21
C TYR L 20 15.39 8.85 -33.97
N ALA L 21 15.56 9.89 -34.80
CA ALA L 21 14.46 10.42 -35.57
C ALA L 21 14.56 9.87 -36.98
N CYS L 22 13.42 9.80 -37.67
CA CYS L 22 13.36 9.28 -39.04
C CYS L 22 13.94 10.26 -40.04
N PRO L 23 14.72 9.76 -41.02
CA PRO L 23 15.31 10.62 -42.03
C PRO L 23 14.25 11.15 -42.99
N VAL L 24 12.98 10.96 -42.62
CA VAL L 24 11.86 11.41 -43.45
C VAL L 24 11.48 12.87 -43.24
N GLU L 25 11.27 13.54 -44.37
CA GLU L 25 10.88 14.93 -44.48
C GLU L 25 9.57 15.23 -43.74
N SER L 26 8.49 14.67 -44.26
CA SER L 26 7.14 14.85 -43.73
C SER L 26 6.89 14.18 -42.39
N CYS L 27 7.79 13.29 -41.96
CA CYS L 27 7.58 12.58 -40.71
C CYS L 27 8.11 13.24 -39.43
N ASP L 28 7.20 13.41 -38.48
CA ASP L 28 7.51 13.98 -37.18
C ASP L 28 7.52 12.80 -36.21
N ARG L 29 8.54 11.97 -36.36
CA ARG L 29 8.68 10.76 -35.56
C ARG L 29 10.10 10.59 -35.02
N ARG L 30 10.19 10.27 -33.73
CA ARG L 30 11.48 10.07 -33.07
C ARG L 30 11.40 8.90 -32.07
N PHE L 31 12.48 8.13 -31.98
CA PHE L 31 12.50 6.96 -31.10
C PHE L 31 13.62 6.92 -30.07
N SER L 32 13.33 6.27 -28.95
CA SER L 32 14.31 6.14 -27.89
C SER L 32 15.40 5.13 -28.25
N ARG L 33 15.08 4.20 -29.15
CA ARG L 33 16.01 3.15 -29.57
C ARG L 33 16.29 3.17 -31.07
N SER L 34 17.40 2.56 -31.45
CA SER L 34 17.78 2.49 -32.85
C SER L 34 17.00 1.37 -33.52
N ASP L 35 16.79 0.27 -32.81
CA ASP L 35 16.06 -0.83 -33.40
C ASP L 35 14.60 -0.46 -33.56
N GLU L 36 14.21 0.64 -32.94
CA GLU L 36 12.83 1.12 -33.02
C GLU L 36 12.66 1.92 -34.31
N LEU L 37 13.69 2.68 -34.67
CA LEU L 37 13.65 3.50 -35.87
C LEU L 37 13.80 2.68 -37.14
N THR L 38 14.54 1.59 -37.07
CA THR L 38 14.74 0.77 -38.25
C THR L 38 13.48 0.03 -38.69
N ARG L 39 12.58 -0.28 -37.73
CA ARG L 39 11.34 -0.97 -38.05
C ARG L 39 10.36 0.03 -38.63
N HIS L 40 10.35 1.21 -38.01
CA HIS L 40 9.45 2.27 -38.46
C HIS L 40 9.85 2.86 -39.81
N ILE L 41 11.10 2.64 -40.23
CA ILE L 41 11.54 3.16 -41.52
C ILE L 41 11.06 2.20 -42.61
N ARG L 42 10.68 1.00 -42.19
CA ARG L 42 10.19 0.00 -43.14
C ARG L 42 8.75 0.31 -43.52
N ILE L 43 8.20 1.37 -42.92
CA ILE L 43 6.83 1.82 -43.20
C ILE L 43 6.86 2.75 -44.42
N HIS L 44 7.97 3.46 -44.59
CA HIS L 44 8.13 4.38 -45.70
C HIS L 44 8.60 3.65 -46.96
N THR L 45 9.38 2.59 -46.76
CA THR L 45 9.87 1.80 -47.88
C THR L 45 8.88 0.66 -48.16
N GLY L 46 7.86 0.57 -47.31
CA GLY L 46 6.85 -0.45 -47.46
C GLY L 46 7.42 -1.86 -47.36
N GLN L 47 8.73 -1.94 -47.14
CA GLN L 47 9.44 -3.20 -47.04
C GLN L 47 8.72 -4.23 -46.19
N LYS L 48 8.99 -5.50 -46.46
CA LYS L 48 8.41 -6.60 -45.73
C LYS L 48 9.41 -7.74 -45.87
N PRO L 49 10.56 -7.65 -45.15
CA PRO L 49 11.65 -8.62 -45.13
C PRO L 49 11.32 -10.03 -44.67
N PHE L 50 10.43 -10.15 -43.67
CA PHE L 50 10.14 -11.46 -43.15
C PHE L 50 9.06 -12.26 -43.87
N GLN L 51 9.45 -13.40 -44.43
CA GLN L 51 8.54 -14.25 -45.20
C GLN L 51 8.37 -15.54 -44.43
N CYS L 52 7.12 -15.94 -44.24
CA CYS L 52 6.81 -17.19 -43.58
C CYS L 52 7.24 -18.29 -44.55
N ARG L 53 8.23 -19.08 -44.14
CA ARG L 53 8.74 -20.16 -44.97
C ARG L 53 7.69 -21.23 -45.27
N ILE L 54 6.55 -21.17 -44.58
CA ILE L 54 5.50 -22.16 -44.81
C ILE L 54 4.42 -21.73 -45.81
N CYS L 55 3.91 -20.51 -45.68
CA CYS L 55 2.86 -20.03 -46.58
C CYS L 55 3.29 -18.94 -47.57
N MET L 56 4.48 -18.37 -47.36
CA MET L 56 5.03 -17.34 -48.25
C MET L 56 4.57 -15.91 -47.99
N ARG L 57 3.77 -15.71 -46.94
CA ARG L 57 3.30 -14.37 -46.62
C ARG L 57 4.44 -13.56 -46.03
N ASN L 58 4.68 -12.38 -46.59
CA ASN L 58 5.75 -11.50 -46.13
C ASN L 58 5.26 -10.66 -44.95
N PHE L 59 6.21 -10.12 -44.19
CA PHE L 59 5.90 -9.30 -43.03
C PHE L 59 6.88 -8.16 -42.84
N SER L 60 6.37 -7.06 -42.29
CA SER L 60 7.18 -5.88 -42.06
C SER L 60 8.02 -6.08 -40.79
N ARG L 61 7.52 -6.90 -39.88
CA ARG L 61 8.22 -7.16 -38.63
C ARG L 61 8.26 -8.64 -38.31
N SER L 62 9.34 -9.08 -37.68
CA SER L 62 9.53 -10.49 -37.33
C SER L 62 8.80 -10.96 -36.08
N ASP L 63 8.36 -10.03 -35.24
CA ASP L 63 7.64 -10.41 -34.04
C ASP L 63 6.25 -10.90 -34.45
N HIS L 64 5.70 -10.28 -35.50
CA HIS L 64 4.39 -10.63 -36.02
C HIS L 64 4.40 -11.96 -36.76
N LEU L 65 5.50 -12.25 -37.44
CA LEU L 65 5.66 -13.49 -38.20
C LEU L 65 5.75 -14.72 -37.28
N THR L 66 6.28 -14.54 -36.08
CA THR L 66 6.40 -15.64 -35.12
C THR L 66 5.03 -15.96 -34.52
N THR L 67 4.14 -14.99 -34.53
CA THR L 67 2.79 -15.16 -33.99
C THR L 67 1.85 -15.59 -35.11
N HIS L 68 2.36 -15.57 -36.34
CA HIS L 68 1.58 -15.98 -37.50
C HIS L 68 1.86 -17.44 -37.80
N ILE L 69 3.08 -17.87 -37.49
CA ILE L 69 3.47 -19.27 -37.70
C ILE L 69 2.76 -20.06 -36.60
N ARG L 70 1.96 -19.33 -35.83
CA ARG L 70 1.16 -19.88 -34.74
C ARG L 70 -0.22 -20.23 -35.30
N THR L 71 -0.50 -19.77 -36.51
CA THR L 71 -1.79 -19.99 -37.19
C THR L 71 -1.81 -21.30 -37.98
N HIS L 72 -0.65 -21.91 -38.17
CA HIS L 72 -0.56 -23.14 -38.94
C HIS L 72 -0.61 -24.41 -38.06
N THR L 73 -1.57 -25.28 -38.37
CA THR L 73 -1.81 -26.56 -37.67
C THR L 73 -0.93 -26.74 -36.43
#